data_6RGA
#
_entry.id   6RGA
#
_cell.length_a   63.180
_cell.length_b   74.730
_cell.length_c   118.730
_cell.angle_alpha   90.000
_cell.angle_beta   90.000
_cell.angle_gamma   90.000
#
_symmetry.space_group_name_H-M   'I 2 2 2'
#
loop_
_entity.id
_entity.type
_entity.pdbx_description
1 polymer 'NAD kinase 1'
2 non-polymer 'CITRIC ACID'
3 non-polymer (2~{R},3~{S},4~{R},5~{R})-2-(aminomethyl)-5-[8-[3-[[(2~{R},3~{S},4~{R},5~{R})-5-(6-aminopurin-9-yl)-3,4-bis(oxidanyl)oxolan-2-yl]methoxy]prop-1-ynyl]-6-azanyl-purin-9-yl]oxolane-3,4-diol
4 water water
#
_entity_poly.entity_id   1
_entity_poly.type   'polypeptide(L)'
_entity_poly.pdbx_seq_one_letter_code
;MKYMITSKGDEKSDLLRLNMIAGFGEYDMEYDDVEPEIVISIGGDGTFLSAFHQYEERLDEIAFIGIHTGHLGFYADWRP
AEADKLVKLLAKGEYQKVSYPLLKTTVKYGIGKKEATYLALNESTVKSSGGPFVVDVVINDIHFERFRGDGLCMSTPSGT
TAYNKSLGGALMHPSIEAMQLTEMASINNRVYRTIGSPLVFPKHHVVSLQPVNDKDFQISVDHLSILHRDVQEIRYEVSA
KKIHFARFRSFPFWRRVHDSFIEDLEHHHHHH
;
_entity_poly.pdbx_strand_id   A
#
loop_
_chem_comp.id
_chem_comp.type
_chem_comp.name
_chem_comp.formula
CIT non-polymer 'CITRIC ACID' 'C6 H8 O7'
K3E non-polymer (2~{R},3~{S},4~{R},5~{R})-2-(aminomethyl)-5-[8-[3-[[(2~{R},3~{S},4~{R},5~{R})-5-(6-aminopurin-9-yl)-3,4-bis(oxidanyl)oxolan-2-yl]methoxy]prop-1-ynyl]-6-azanyl-purin-9-yl]oxolane-3,4-diol 'C23 H27 N11 O7'
#
# COMPACT_ATOMS: atom_id res chain seq x y z
N MET A 1 21.14 0.23 16.84
CA MET A 1 20.64 1.34 16.04
C MET A 1 19.27 1.79 16.54
N LYS A 2 18.82 2.95 16.04
CA LYS A 2 17.54 3.48 16.46
C LYS A 2 16.40 2.67 15.87
N TYR A 3 15.40 2.38 16.71
CA TYR A 3 14.25 1.58 16.32
C TYR A 3 13.00 2.14 16.98
N MET A 4 11.84 1.69 16.51
CA MET A 4 10.57 2.01 17.15
C MET A 4 9.59 0.89 16.85
N ILE A 5 8.57 0.78 17.70
CA ILE A 5 7.55 -0.26 17.59
C ILE A 5 6.19 0.39 17.74
N THR A 6 5.32 0.19 16.74
CA THR A 6 3.93 0.60 16.83
C THR A 6 3.06 -0.61 17.11
N SER A 7 1.92 -0.36 17.78
CA SER A 7 1.04 -1.43 18.24
C SER A 7 -0.38 -1.17 17.77
N LYS A 8 -1.10 -2.26 17.49
CA LYS A 8 -2.51 -2.15 17.12
C LYS A 8 -3.33 -1.50 18.22
N GLY A 9 -2.97 -1.73 19.48
CA GLY A 9 -3.64 -1.11 20.61
C GLY A 9 -4.43 -2.06 21.48
N ASP A 10 -4.51 -3.34 21.12
CA ASP A 10 -5.18 -4.31 21.96
C ASP A 10 -4.21 -4.85 23.01
N GLU A 11 -4.70 -5.69 23.92
CA GLU A 11 -3.87 -6.18 25.00
C GLU A 11 -2.70 -7.02 24.47
N LYS A 12 -2.97 -7.91 23.52
CA LYS A 12 -1.93 -8.81 23.04
C LYS A 12 -0.80 -8.05 22.36
N SER A 13 -1.14 -7.04 21.57
CA SER A 13 -0.11 -6.31 20.83
C SER A 13 0.68 -5.39 21.75
N ASP A 14 0.01 -4.75 22.72
CA ASP A 14 0.70 -3.81 23.58
C ASP A 14 1.76 -4.52 24.43
N LEU A 15 1.46 -5.73 24.90
CA LEU A 15 2.39 -6.44 25.77
C LEU A 15 3.43 -7.24 25.01
N LEU A 16 3.17 -7.60 23.75
CA LEU A 16 4.26 -8.09 22.91
C LEU A 16 5.23 -6.96 22.58
N ARG A 17 4.70 -5.75 22.38
CA ARG A 17 5.56 -4.59 22.15
C ARG A 17 6.41 -4.29 23.38
N LEU A 18 5.80 -4.35 24.57
CA LEU A 18 6.57 -4.10 25.80
C LEU A 18 7.64 -5.16 26.01
N ASN A 19 7.39 -6.40 25.59
CA ASN A 19 8.40 -7.45 25.72
C ASN A 19 9.53 -7.28 24.72
N MET A 20 9.23 -6.80 23.52
CA MET A 20 10.29 -6.58 22.54
C MET A 20 11.18 -5.41 22.93
N ILE A 21 10.58 -4.36 23.49
CA ILE A 21 11.38 -3.25 24.00
C ILE A 21 12.31 -3.73 25.11
N ALA A 22 11.81 -4.62 25.96
CA ALA A 22 12.64 -5.18 27.03
C ALA A 22 13.80 -5.98 26.47
N GLY A 23 13.53 -6.82 25.47
CA GLY A 23 14.61 -7.56 24.83
C GLY A 23 15.58 -6.66 24.10
N PHE A 24 15.07 -5.58 23.49
CA PHE A 24 15.94 -4.64 22.81
C PHE A 24 16.84 -3.88 23.78
N GLY A 25 16.34 -3.62 24.99
CA GLY A 25 17.17 -3.00 26.02
C GLY A 25 18.40 -3.81 26.38
N GLU A 26 18.37 -5.12 26.14
CA GLU A 26 19.53 -5.99 26.37
C GLU A 26 20.55 -5.92 25.23
N TYR A 27 20.42 -4.95 24.32
CA TYR A 27 21.34 -4.81 23.21
C TYR A 27 21.64 -3.33 23.00
N ASP A 28 22.65 -3.05 22.19
CA ASP A 28 22.94 -1.70 21.75
C ASP A 28 21.85 -1.24 20.78
N MET A 29 20.65 -0.99 21.30
CA MET A 29 19.51 -0.60 20.50
C MET A 29 18.76 0.50 21.25
N GLU A 30 18.68 1.68 20.63
CA GLU A 30 18.06 2.85 21.23
C GLU A 30 16.66 3.05 20.64
N TYR A 31 15.67 3.27 21.52
CA TYR A 31 14.31 3.52 21.07
C TYR A 31 14.18 4.99 20.67
N ASP A 32 13.80 5.23 19.41
CA ASP A 32 13.63 6.59 18.90
C ASP A 32 12.53 6.54 17.84
N ASP A 33 11.41 7.22 18.12
CA ASP A 33 10.31 7.27 17.17
C ASP A 33 10.34 8.53 16.30
N VAL A 34 11.46 9.25 16.29
CA VAL A 34 11.66 10.39 15.40
C VAL A 34 12.54 10.03 14.22
N GLU A 35 13.68 9.38 14.48
CA GLU A 35 14.57 8.91 13.42
C GLU A 35 14.94 7.45 13.63
N PRO A 36 13.97 6.53 13.58
CA PRO A 36 14.30 5.11 13.67
C PRO A 36 14.83 4.58 12.34
N GLU A 37 15.76 3.65 12.44
CA GLU A 37 16.20 2.89 11.28
C GLU A 37 15.44 1.59 11.12
N ILE A 38 14.69 1.18 12.14
CA ILE A 38 13.90 -0.04 12.13
C ILE A 38 12.52 0.29 12.69
N VAL A 39 11.48 -0.04 11.93
CA VAL A 39 10.09 0.19 12.34
C VAL A 39 9.38 -1.15 12.39
N ILE A 40 8.88 -1.51 13.58
CA ILE A 40 8.22 -2.78 13.81
C ILE A 40 6.74 -2.51 14.06
N SER A 41 5.89 -3.16 13.28
CA SER A 41 4.44 -3.06 13.43
C SER A 41 3.92 -4.37 14.01
N ILE A 42 3.13 -4.27 15.07
CA ILE A 42 2.58 -5.42 15.77
C ILE A 42 1.06 -5.30 15.70
N GLY A 43 0.43 -6.22 14.96
CA GLY A 43 -1.01 -6.21 14.83
C GLY A 43 -1.49 -6.89 13.57
N GLY A 44 -1.94 -6.10 12.59
CA GLY A 44 -2.36 -6.61 11.32
C GLY A 44 -1.79 -5.78 10.18
N ASP A 45 -2.22 -6.12 8.97
CA ASP A 45 -1.80 -5.35 7.80
C ASP A 45 -2.22 -3.89 7.92
N GLY A 46 -3.35 -3.64 8.60
CA GLY A 46 -3.76 -2.26 8.81
C GLY A 46 -2.81 -1.49 9.70
N THR A 47 -2.31 -2.15 10.75
CA THR A 47 -1.32 -1.50 11.61
C THR A 47 -0.05 -1.19 10.83
N PHE A 48 0.37 -2.10 9.96
CA PHE A 48 1.56 -1.86 9.15
C PHE A 48 1.36 -0.69 8.20
N LEU A 49 0.16 -0.60 7.60
CA LEU A 49 -0.14 0.51 6.71
C LEU A 49 -0.02 1.84 7.43
N SER A 50 -0.49 1.90 8.68
CA SER A 50 -0.33 3.13 9.46
C SER A 50 1.14 3.43 9.73
N ALA A 51 1.92 2.40 10.06
CA ALA A 51 3.34 2.61 10.32
C ALA A 51 4.07 3.14 9.08
N PHE A 52 3.72 2.62 7.90
CA PHE A 52 4.32 3.09 6.66
C PHE A 52 4.03 4.56 6.43
N HIS A 53 2.78 4.97 6.61
CA HIS A 53 2.43 6.37 6.39
C HIS A 53 2.94 7.26 7.52
N GLN A 54 3.16 6.71 8.70
CA GLN A 54 3.71 7.50 9.80
C GLN A 54 5.14 7.94 9.51
N TYR A 55 5.86 7.19 8.67
CA TYR A 55 7.27 7.43 8.38
C TYR A 55 7.53 7.45 6.88
N GLU A 56 6.57 8.00 6.10
CA GLU A 56 6.72 8.00 4.64
C GLU A 56 7.72 9.02 4.13
N GLU A 57 8.21 9.91 4.98
CA GLU A 57 9.20 10.89 4.57
C GLU A 57 10.63 10.44 4.83
N ARG A 58 10.82 9.28 5.44
CA ARG A 58 12.13 8.70 5.68
C ARG A 58 12.19 7.26 5.22
N LEU A 59 11.56 6.97 4.07
CA LEU A 59 11.48 5.59 3.59
C LEU A 59 12.86 5.04 3.25
N ASP A 60 13.70 5.85 2.61
CA ASP A 60 15.02 5.40 2.18
C ASP A 60 15.95 5.10 3.35
N GLU A 61 15.56 5.42 4.59
CA GLU A 61 16.41 5.22 5.74
C GLU A 61 15.77 4.31 6.79
N ILE A 62 14.76 3.54 6.40
CA ILE A 62 13.98 2.73 7.34
C ILE A 62 13.76 1.34 6.75
N ALA A 63 13.95 0.32 7.57
CA ALA A 63 13.58 -1.05 7.24
C ALA A 63 12.37 -1.45 8.08
N PHE A 64 11.33 -1.93 7.40
CA PHE A 64 10.08 -2.26 8.07
C PHE A 64 10.01 -3.75 8.38
N ILE A 65 9.37 -4.08 9.50
CA ILE A 65 9.09 -5.46 9.88
C ILE A 65 7.64 -5.53 10.38
N GLY A 66 6.90 -6.53 9.91
CA GLY A 66 5.54 -6.70 10.36
C GLY A 66 5.26 -7.96 11.16
N ILE A 67 4.63 -7.83 12.33
CA ILE A 67 4.27 -8.96 13.17
C ILE A 67 2.76 -8.99 13.30
N HIS A 68 2.16 -10.17 13.07
CA HIS A 68 0.72 -10.32 13.10
C HIS A 68 0.32 -11.03 14.39
N THR A 69 -0.40 -10.30 15.25
CA THR A 69 -0.96 -10.93 16.44
C THR A 69 -2.26 -11.65 16.16
N GLY A 70 -2.87 -11.42 15.01
CA GLY A 70 -4.02 -12.20 14.60
C GLY A 70 -3.66 -13.15 13.48
N HIS A 71 -4.43 -13.16 12.41
CA HIS A 71 -4.12 -14.03 11.29
C HIS A 71 -2.95 -13.48 10.48
N LEU A 72 -2.42 -14.32 9.60
CA LEU A 72 -1.30 -13.94 8.76
C LEU A 72 -1.65 -12.77 7.86
N GLY A 73 -0.75 -11.79 7.81
CA GLY A 73 -0.90 -10.66 6.91
C GLY A 73 0.13 -10.67 5.80
N PHE A 74 -0.11 -9.92 4.73
CA PHE A 74 0.86 -9.86 3.66
C PHE A 74 2.05 -8.96 4.01
N TYR A 75 1.86 -8.00 4.90
CA TYR A 75 2.96 -7.22 5.44
C TYR A 75 3.35 -7.67 6.84
N ALA A 76 2.36 -8.02 7.66
CA ALA A 76 2.61 -8.57 8.99
C ALA A 76 2.67 -10.09 8.83
N ASP A 77 3.82 -10.55 8.34
CA ASP A 77 4.01 -11.96 8.02
C ASP A 77 4.90 -12.68 9.02
N TRP A 78 5.15 -12.08 10.18
CA TRP A 78 5.93 -12.70 11.24
C TRP A 78 5.02 -13.09 12.39
N ARG A 79 5.17 -14.32 12.87
CA ARG A 79 4.35 -14.85 13.95
C ARG A 79 4.88 -14.36 15.29
N PRO A 80 4.00 -14.07 16.26
CA PRO A 80 4.49 -13.54 17.54
C PRO A 80 5.44 -14.46 18.29
N ALA A 81 5.42 -15.76 18.00
CA ALA A 81 6.33 -16.68 18.67
C ALA A 81 7.78 -16.43 18.27
N GLU A 82 8.01 -15.87 17.08
CA GLU A 82 9.35 -15.57 16.60
C GLU A 82 9.82 -14.18 16.99
N ALA A 83 9.15 -13.52 17.95
CA ALA A 83 9.49 -12.15 18.29
C ALA A 83 10.87 -12.07 18.94
N ASP A 84 11.16 -12.99 19.85
CA ASP A 84 12.46 -12.95 20.53
C ASP A 84 13.61 -13.21 19.56
N LYS A 85 13.39 -14.14 18.61
CA LYS A 85 14.41 -14.40 17.59
C LYS A 85 14.59 -13.20 16.66
N LEU A 86 13.52 -12.44 16.44
CA LEU A 86 13.64 -11.23 15.64
C LEU A 86 14.60 -10.22 16.29
N VAL A 87 14.63 -10.19 17.63
CA VAL A 87 15.41 -9.18 18.33
C VAL A 87 16.91 -9.39 18.09
N LYS A 88 17.39 -10.62 18.26
CA LYS A 88 18.83 -10.87 18.19
C LYS A 88 19.35 -10.73 16.76
N LEU A 89 18.76 -11.49 15.81
CA LEU A 89 19.19 -11.44 14.41
C LEU A 89 19.14 -10.03 13.84
N LEU A 90 18.33 -9.15 14.44
CA LEU A 90 18.19 -7.77 13.99
C LEU A 90 19.07 -6.80 14.75
N ALA A 91 19.49 -7.15 15.97
CA ALA A 91 20.49 -6.34 16.67
C ALA A 91 21.87 -6.54 16.08
N LYS A 92 22.17 -7.76 15.63
CA LYS A 92 23.45 -8.05 15.00
C LYS A 92 23.56 -7.45 13.60
N GLY A 93 22.44 -7.18 12.95
CA GLY A 93 22.46 -6.80 11.55
C GLY A 93 22.62 -7.97 10.61
N GLU A 94 22.03 -9.12 10.95
CA GLU A 94 22.12 -10.34 10.15
C GLU A 94 20.96 -10.45 9.16
N TYR A 95 20.83 -9.43 8.32
CA TYR A 95 19.69 -9.32 7.43
C TYR A 95 20.04 -8.42 6.27
N GLN A 96 19.48 -8.73 5.11
CA GLN A 96 19.45 -7.86 3.96
C GLN A 96 18.05 -7.29 3.81
N LYS A 97 17.80 -6.59 2.70
CA LYS A 97 16.54 -5.89 2.50
C LYS A 97 15.93 -6.27 1.17
N VAL A 98 14.60 -6.32 1.16
CA VAL A 98 13.83 -6.46 -0.06
C VAL A 98 12.92 -5.23 -0.18
N SER A 99 12.72 -4.77 -1.41
CA SER A 99 12.01 -3.52 -1.67
C SER A 99 10.85 -3.76 -2.62
N TYR A 100 9.67 -3.22 -2.26
CA TYR A 100 8.45 -3.31 -3.03
C TYR A 100 8.15 -1.95 -3.68
N PRO A 101 7.66 -1.93 -4.90
CA PRO A 101 7.35 -0.65 -5.57
C PRO A 101 6.18 0.05 -4.92
N LEU A 102 6.11 1.37 -5.15
CA LEU A 102 5.06 2.20 -4.59
C LEU A 102 4.36 2.96 -5.72
N LEU A 103 3.17 3.49 -5.39
CA LEU A 103 2.36 4.25 -6.33
C LEU A 103 2.40 5.73 -5.96
N LYS A 104 2.74 6.57 -6.92
CA LYS A 104 2.74 8.01 -6.74
C LYS A 104 1.42 8.58 -7.27
N THR A 105 0.80 9.46 -6.48
CA THR A 105 -0.48 10.07 -6.84
C THR A 105 -0.33 11.57 -6.75
N THR A 106 -0.65 12.27 -7.84
CA THR A 106 -0.60 13.72 -7.89
C THR A 106 -2.01 14.26 -8.10
N VAL A 107 -2.47 15.11 -7.20
CA VAL A 107 -3.78 15.73 -7.27
C VAL A 107 -3.58 17.22 -7.53
N LYS A 108 -4.16 17.71 -8.61
CA LYS A 108 -4.04 19.12 -9.00
C LYS A 108 -5.36 19.83 -8.80
N TYR A 109 -5.30 21.08 -8.35
CA TYR A 109 -6.49 21.91 -8.17
C TYR A 109 -6.46 23.10 -9.11
N GLU A 115 -1.57 21.76 -5.87
CA GLU A 115 -1.09 20.42 -6.18
C GLU A 115 -0.59 19.70 -4.93
N ALA A 116 -0.92 18.40 -4.83
CA ALA A 116 -0.50 17.57 -3.70
C ALA A 116 -0.09 16.20 -4.21
N THR A 117 0.94 15.63 -3.59
CA THR A 117 1.45 14.32 -3.94
C THR A 117 1.31 13.37 -2.76
N TYR A 118 1.05 12.09 -3.06
CA TYR A 118 0.87 11.06 -2.04
C TYR A 118 1.53 9.77 -2.51
N LEU A 119 1.97 8.97 -1.55
CA LEU A 119 2.49 7.64 -1.81
C LEU A 119 1.52 6.61 -1.23
N ALA A 120 1.26 5.56 -2.00
CA ALA A 120 0.38 4.48 -1.60
C ALA A 120 1.15 3.18 -1.57
N LEU A 121 0.97 2.41 -0.48
CA LEU A 121 1.56 1.08 -0.41
C LEU A 121 0.61 0.04 -0.99
N ASN A 122 -0.70 0.23 -0.82
CA ASN A 122 -1.69 -0.66 -1.41
C ASN A 122 -2.24 -0.07 -2.70
N GLU A 123 -3.09 0.95 -2.59
CA GLU A 123 -3.76 1.46 -3.77
C GLU A 123 -4.22 2.90 -3.51
N SER A 124 -4.71 3.52 -4.57
CA SER A 124 -5.40 4.80 -4.51
C SER A 124 -6.66 4.70 -5.35
N THR A 125 -7.79 5.13 -4.80
CA THR A 125 -9.07 5.03 -5.49
C THR A 125 -9.71 6.40 -5.63
N VAL A 126 -10.57 6.53 -6.64
CA VAL A 126 -11.35 7.73 -6.89
C VAL A 126 -12.81 7.35 -7.00
N LYS A 127 -13.66 7.97 -6.19
CA LYS A 127 -15.10 7.68 -6.19
C LYS A 127 -15.91 8.97 -6.26
N SER A 128 -17.19 8.81 -6.57
CA SER A 128 -18.11 9.93 -6.69
C SER A 128 -18.61 10.38 -5.33
N SER A 129 -19.05 11.63 -5.27
CA SER A 129 -19.77 12.16 -4.11
C SER A 129 -21.25 11.82 -4.15
N GLY A 130 -21.60 10.59 -4.53
CA GLY A 130 -22.98 10.18 -4.65
C GLY A 130 -23.36 9.68 -6.05
N GLY A 131 -23.82 8.43 -6.13
CA GLY A 131 -24.19 7.84 -7.39
C GLY A 131 -22.99 7.53 -8.26
N PRO A 132 -23.18 7.57 -9.58
CA PRO A 132 -22.06 7.37 -10.51
C PRO A 132 -21.40 8.69 -10.90
N PHE A 133 -20.14 8.58 -11.31
CA PHE A 133 -19.38 9.75 -11.77
C PHE A 133 -18.78 9.47 -13.13
N VAL A 134 -18.30 10.54 -13.77
CA VAL A 134 -17.77 10.49 -15.13
C VAL A 134 -16.38 11.12 -15.10
N VAL A 135 -15.39 10.37 -15.56
CA VAL A 135 -14.02 10.89 -15.70
C VAL A 135 -13.47 10.41 -17.04
N ASP A 136 -12.66 11.26 -17.67
CA ASP A 136 -11.92 10.86 -18.86
C ASP A 136 -10.58 10.26 -18.43
N VAL A 137 -10.29 9.07 -18.95
CA VAL A 137 -9.04 8.37 -18.65
C VAL A 137 -8.06 8.64 -19.79
N VAL A 138 -6.91 9.23 -19.44
CA VAL A 138 -5.88 9.59 -20.42
C VAL A 138 -4.61 8.83 -20.07
N ILE A 139 -4.09 8.07 -21.02
CA ILE A 139 -2.88 7.28 -20.85
C ILE A 139 -1.79 7.89 -21.72
N ASN A 140 -0.75 8.40 -21.08
CA ASN A 140 0.39 9.00 -21.78
C ASN A 140 -0.05 10.06 -22.77
N ASP A 141 -0.96 10.93 -22.32
CA ASP A 141 -1.43 12.13 -23.00
C ASP A 141 -2.38 11.84 -24.16
N ILE A 142 -2.87 10.61 -24.30
CA ILE A 142 -3.92 10.31 -25.28
C ILE A 142 -5.14 9.78 -24.56
N HIS A 143 -6.32 10.20 -25.02
CA HIS A 143 -7.57 9.82 -24.38
C HIS A 143 -7.86 8.34 -24.62
N PHE A 144 -8.07 7.59 -23.53
CA PHE A 144 -8.30 6.16 -23.64
C PHE A 144 -9.77 5.78 -23.53
N GLU A 145 -10.52 6.42 -22.63
CA GLU A 145 -11.93 6.06 -22.44
C GLU A 145 -12.58 7.12 -21.57
N ARG A 146 -13.91 7.19 -21.69
CA ARG A 146 -14.73 8.00 -20.79
C ARG A 146 -15.48 7.04 -19.87
N PHE A 147 -15.07 7.01 -18.61
CA PHE A 147 -15.58 6.04 -17.64
C PHE A 147 -16.78 6.63 -16.90
N ARG A 148 -17.87 5.86 -16.83
CA ARG A 148 -19.01 6.20 -15.99
C ARG A 148 -19.31 4.99 -15.13
N GLY A 149 -19.33 5.20 -13.81
CA GLY A 149 -19.54 4.09 -12.88
C GLY A 149 -19.31 4.53 -11.46
N ASP A 150 -18.95 3.56 -10.61
CA ASP A 150 -18.73 3.83 -9.19
C ASP A 150 -17.35 4.37 -8.89
N GLY A 151 -16.31 3.94 -9.58
CA GLY A 151 -14.99 4.44 -9.28
C GLY A 151 -13.91 3.69 -10.03
N LEU A 152 -12.67 4.07 -9.73
CA LEU A 152 -11.48 3.42 -10.29
C LEU A 152 -10.49 3.17 -9.17
N CYS A 153 -9.62 2.18 -9.37
CA CYS A 153 -8.65 1.79 -8.35
C CYS A 153 -7.31 1.50 -9.02
N MET A 154 -6.25 2.18 -8.55
CA MET A 154 -4.90 1.96 -9.04
C MET A 154 -4.07 1.34 -7.93
N SER A 155 -3.55 0.14 -8.18
CA SER A 155 -2.94 -0.66 -7.13
C SER A 155 -1.45 -0.86 -7.38
N THR A 156 -0.69 -0.94 -6.29
CA THR A 156 0.69 -1.37 -6.32
C THR A 156 0.73 -2.88 -6.52
N PRO A 157 1.92 -3.45 -6.80
CA PRO A 157 1.99 -4.92 -6.85
C PRO A 157 1.58 -5.59 -5.55
N SER A 158 2.13 -5.18 -4.42
CA SER A 158 1.75 -5.79 -3.14
C SER A 158 0.31 -5.45 -2.76
N GLY A 159 -0.27 -4.40 -3.35
CA GLY A 159 -1.66 -4.06 -3.11
C GLY A 159 -2.66 -4.87 -3.91
N THR A 160 -2.21 -5.68 -4.86
CA THR A 160 -3.14 -6.43 -5.71
C THR A 160 -3.91 -7.49 -4.95
N THR A 161 -3.39 -7.94 -3.80
CA THR A 161 -4.12 -8.89 -2.96
C THR A 161 -5.15 -8.21 -2.07
N ALA A 162 -5.31 -6.90 -2.16
CA ALA A 162 -6.21 -6.13 -1.31
C ALA A 162 -7.40 -5.68 -2.14
N TYR A 163 -7.75 -4.38 -2.16
CA TYR A 163 -8.92 -3.90 -2.89
C TYR A 163 -8.90 -4.37 -4.34
N ASN A 164 -7.72 -4.37 -4.97
CA ASN A 164 -7.60 -4.80 -6.36
C ASN A 164 -8.15 -6.21 -6.57
N LYS A 165 -7.86 -7.13 -5.65
CA LYS A 165 -8.33 -8.50 -5.81
C LYS A 165 -9.86 -8.57 -5.82
N SER A 166 -10.50 -7.84 -4.92
CA SER A 166 -11.96 -7.85 -4.84
C SER A 166 -12.61 -7.22 -6.06
N LEU A 167 -11.86 -6.45 -6.84
CA LEU A 167 -12.36 -5.82 -8.05
C LEU A 167 -12.05 -6.63 -9.31
N GLY A 168 -11.51 -7.84 -9.15
CA GLY A 168 -11.21 -8.69 -10.28
C GLY A 168 -9.82 -8.53 -10.86
N GLY A 169 -8.95 -7.77 -10.22
CA GLY A 169 -7.61 -7.57 -10.75
C GLY A 169 -6.74 -8.80 -10.60
N ALA A 170 -5.63 -8.79 -11.33
CA ALA A 170 -4.68 -9.88 -11.25
C ALA A 170 -3.75 -9.69 -10.05
N LEU A 171 -3.22 -10.81 -9.55
CA LEU A 171 -2.24 -10.77 -8.47
C LEU A 171 -0.84 -10.73 -9.08
N MET A 172 -0.09 -9.69 -8.76
CA MET A 172 1.23 -9.46 -9.34
C MET A 172 2.31 -9.67 -8.30
N HIS A 173 3.38 -10.37 -8.67
CA HIS A 173 4.51 -10.52 -7.78
C HIS A 173 5.19 -9.16 -7.59
N PRO A 174 5.57 -8.81 -6.36
CA PRO A 174 6.06 -7.44 -6.11
C PRO A 174 7.42 -7.14 -6.72
N SER A 175 8.10 -8.11 -7.31
CA SER A 175 9.35 -7.78 -7.99
C SER A 175 9.11 -7.05 -9.31
N ILE A 176 7.86 -7.02 -9.78
CA ILE A 176 7.51 -6.32 -11.02
C ILE A 176 7.17 -4.89 -10.68
N GLU A 177 7.95 -3.94 -11.22
CA GLU A 177 7.70 -2.52 -10.98
C GLU A 177 6.57 -2.08 -11.91
N ALA A 178 5.36 -2.02 -11.37
CA ALA A 178 4.19 -1.74 -12.19
C ALA A 178 3.04 -1.26 -11.31
N MET A 179 1.95 -0.87 -11.97
CA MET A 179 0.71 -0.49 -11.30
C MET A 179 -0.46 -1.04 -12.10
N GLN A 180 -1.56 -1.31 -11.41
CA GLN A 180 -2.72 -1.96 -12.02
C GLN A 180 -3.98 -1.18 -11.75
N LEU A 181 -4.77 -0.94 -12.81
CA LEU A 181 -6.01 -0.19 -12.74
C LEU A 181 -7.19 -1.11 -12.93
N THR A 182 -8.18 -1.01 -12.04
CA THR A 182 -9.41 -1.80 -12.13
C THR A 182 -10.62 -0.87 -12.04
N GLU A 183 -11.74 -1.35 -12.58
CA GLU A 183 -12.97 -0.59 -12.66
C GLU A 183 -13.93 -0.98 -11.54
N MET A 184 -14.74 -0.02 -11.11
CA MET A 184 -15.77 -0.23 -10.09
CA MET A 184 -15.77 -0.24 -10.10
C MET A 184 -17.14 -0.04 -10.75
N ALA A 185 -17.77 -1.14 -11.12
CA ALA A 185 -19.14 -1.16 -11.65
C ALA A 185 -19.35 -0.08 -12.73
N SER A 186 -18.66 -0.29 -13.84
CA SER A 186 -18.82 0.60 -14.99
C SER A 186 -20.11 0.25 -15.75
N ILE A 187 -20.78 1.27 -16.24
CA ILE A 187 -21.90 1.09 -17.14
C ILE A 187 -21.36 1.07 -18.57
N ASN A 188 -21.69 0.00 -19.30
CA ASN A 188 -21.21 -0.20 -20.66
C ASN A 188 -22.40 -0.32 -21.60
N ASN A 189 -22.49 0.59 -22.57
CA ASN A 189 -23.59 0.60 -23.53
C ASN A 189 -23.11 1.30 -24.79
N ARG A 190 -24.04 1.59 -25.70
CA ARG A 190 -23.68 2.29 -26.93
C ARG A 190 -23.09 3.65 -26.64
N VAL A 191 -23.53 4.29 -25.56
CA VAL A 191 -23.01 5.61 -25.21
C VAL A 191 -21.65 5.52 -24.54
N TYR A 192 -21.60 4.88 -23.38
CA TYR A 192 -20.39 4.76 -22.60
C TYR A 192 -19.72 3.40 -22.84
N ARG A 193 -18.42 3.44 -23.11
CA ARG A 193 -17.67 2.23 -23.46
C ARG A 193 -16.34 2.25 -22.72
N THR A 194 -16.10 1.21 -21.92
CA THR A 194 -14.84 1.07 -21.22
C THR A 194 -14.20 -0.28 -21.58
N ILE A 195 -12.93 -0.41 -21.23
CA ILE A 195 -12.19 -1.63 -21.58
C ILE A 195 -12.66 -2.81 -20.75
N GLY A 196 -13.12 -2.58 -19.53
CA GLY A 196 -13.49 -3.69 -18.66
C GLY A 196 -12.37 -4.47 -18.03
N SER A 197 -11.40 -4.90 -18.83
CA SER A 197 -10.28 -5.67 -18.30
C SER A 197 -9.41 -4.78 -17.41
N PRO A 198 -8.76 -5.37 -16.40
CA PRO A 198 -7.73 -4.63 -15.67
C PRO A 198 -6.56 -4.30 -16.57
N LEU A 199 -5.88 -3.19 -16.26
CA LEU A 199 -4.76 -2.72 -17.06
C LEU A 199 -3.53 -2.63 -16.17
N VAL A 200 -2.41 -3.17 -16.65
CA VAL A 200 -1.16 -3.18 -15.91
C VAL A 200 -0.17 -2.30 -16.66
N PHE A 201 0.38 -1.28 -15.97
CA PHE A 201 1.25 -0.29 -16.58
C PHE A 201 2.67 -0.41 -16.06
N PRO A 202 3.68 -0.24 -16.91
CA PRO A 202 5.07 -0.26 -16.46
C PRO A 202 5.45 1.08 -15.86
N LYS A 203 6.73 1.19 -15.47
CA LYS A 203 7.24 2.47 -15.00
C LYS A 203 7.16 3.52 -16.11
N HIS A 204 7.16 4.78 -15.68
CA HIS A 204 7.22 5.94 -16.57
C HIS A 204 5.93 6.14 -17.35
N HIS A 205 4.98 5.22 -17.25
CA HIS A 205 3.66 5.44 -17.84
C HIS A 205 2.80 6.23 -16.86
N VAL A 206 2.07 7.22 -17.39
CA VAL A 206 1.27 8.12 -16.57
C VAL A 206 -0.19 7.96 -16.95
N VAL A 207 -1.02 7.62 -15.97
CA VAL A 207 -2.47 7.53 -16.14
C VAL A 207 -3.08 8.75 -15.47
N SER A 208 -3.87 9.50 -16.23
CA SER A 208 -4.46 10.75 -15.76
C SER A 208 -5.98 10.64 -15.79
N LEU A 209 -6.62 10.93 -14.67
CA LEU A 209 -8.07 10.99 -14.57
C LEU A 209 -8.49 12.45 -14.57
N GLN A 210 -9.45 12.79 -15.42
CA GLN A 210 -9.84 14.18 -15.61
C GLN A 210 -11.35 14.31 -15.44
N PRO A 211 -11.81 15.33 -14.72
CA PRO A 211 -13.25 15.45 -14.46
C PRO A 211 -14.01 15.93 -15.68
N VAL A 212 -15.27 15.54 -15.75
CA VAL A 212 -16.16 15.92 -16.85
C VAL A 212 -17.18 16.95 -16.39
N ASN A 213 -18.06 16.59 -15.47
CA ASN A 213 -19.06 17.51 -14.94
C ASN A 213 -18.66 17.87 -13.52
N ASP A 214 -19.13 17.14 -12.51
CA ASP A 214 -18.73 17.42 -11.14
C ASP A 214 -17.21 17.31 -11.00
N LYS A 215 -16.64 18.19 -10.17
CA LYS A 215 -15.21 18.21 -9.90
C LYS A 215 -14.91 17.89 -8.45
N ASP A 216 -15.88 17.35 -7.72
CA ASP A 216 -15.71 16.92 -6.34
C ASP A 216 -15.70 15.40 -6.29
N PHE A 217 -14.61 14.82 -5.79
CA PHE A 217 -14.43 13.38 -5.77
C PHE A 217 -13.98 12.93 -4.39
N GLN A 218 -14.30 11.68 -4.07
CA GLN A 218 -13.76 11.02 -2.88
C GLN A 218 -12.48 10.31 -3.31
N ILE A 219 -11.34 10.83 -2.88
CA ILE A 219 -10.04 10.27 -3.22
C ILE A 219 -9.48 9.58 -1.98
N SER A 220 -9.06 8.32 -2.15
CA SER A 220 -8.49 7.56 -1.06
C SER A 220 -7.05 7.18 -1.39
N VAL A 221 -6.22 7.15 -0.35
CA VAL A 221 -4.86 6.62 -0.44
C VAL A 221 -4.65 5.66 0.73
N ASP A 222 -4.69 4.36 0.44
CA ASP A 222 -4.62 3.29 1.46
C ASP A 222 -5.83 3.47 2.38
N HIS A 223 -5.66 3.52 3.69
CA HIS A 223 -6.77 3.55 4.64
C HIS A 223 -7.40 4.94 4.79
N LEU A 224 -6.78 5.98 4.23
CA LEU A 224 -7.25 7.35 4.39
C LEU A 224 -8.12 7.74 3.21
N SER A 225 -9.30 8.29 3.49
CA SER A 225 -10.26 8.69 2.47
C SER A 225 -10.53 10.18 2.63
N ILE A 226 -10.29 10.94 1.56
CA ILE A 226 -10.38 12.39 1.59
C ILE A 226 -11.36 12.82 0.51
N LEU A 227 -12.23 13.78 0.84
CA LEU A 227 -13.08 14.42 -0.16
C LEU A 227 -12.35 15.63 -0.70
N HIS A 228 -12.13 15.65 -2.01
CA HIS A 228 -11.37 16.71 -2.67
C HIS A 228 -12.28 17.52 -3.57
N ARG A 229 -12.10 18.84 -3.54
CA ARG A 229 -12.94 19.76 -4.28
C ARG A 229 -12.09 20.62 -5.20
N ASP A 230 -12.70 21.05 -6.32
CA ASP A 230 -12.02 21.77 -7.39
C ASP A 230 -10.79 21.00 -7.87
N VAL A 231 -10.99 19.70 -8.09
CA VAL A 231 -9.92 18.85 -8.60
C VAL A 231 -9.91 18.96 -10.12
N GLN A 232 -8.73 19.23 -10.67
CA GLN A 232 -8.58 19.33 -12.11
C GLN A 232 -7.97 18.09 -12.74
N GLU A 233 -7.25 17.28 -11.96
CA GLU A 233 -6.55 16.13 -12.52
C GLU A 233 -6.06 15.24 -11.38
N ILE A 234 -6.08 13.93 -11.62
CA ILE A 234 -5.49 12.94 -10.74
C ILE A 234 -4.54 12.10 -11.60
N ARG A 235 -3.25 12.12 -11.27
CA ARG A 235 -2.25 11.42 -12.06
CA ARG A 235 -2.21 11.46 -12.04
C ARG A 235 -1.63 10.30 -11.24
N TYR A 236 -1.45 9.15 -11.90
CA TYR A 236 -0.88 7.96 -11.31
C TYR A 236 0.35 7.52 -12.11
N GLU A 237 1.40 7.15 -11.40
CA GLU A 237 2.56 6.51 -12.02
C GLU A 237 3.36 5.80 -10.94
N VAL A 238 4.13 4.79 -11.36
CA VAL A 238 4.96 4.06 -10.43
C VAL A 238 5.99 5.00 -9.83
N SER A 239 6.07 5.05 -8.51
CA SER A 239 6.97 5.96 -7.83
C SER A 239 8.42 5.54 -8.02
N ALA A 240 9.31 6.53 -8.01
CA ALA A 240 10.74 6.25 -7.95
C ALA A 240 11.18 5.73 -6.59
N LYS A 241 10.41 6.01 -5.54
CA LYS A 241 10.71 5.52 -4.20
C LYS A 241 10.19 4.10 -4.02
N LYS A 242 10.78 3.40 -3.03
CA LYS A 242 10.39 2.05 -2.69
C LYS A 242 10.41 1.89 -1.18
N ILE A 243 9.56 0.99 -0.68
CA ILE A 243 9.57 0.63 0.73
C ILE A 243 10.54 -0.53 0.91
N HIS A 244 11.31 -0.49 2.00
CA HIS A 244 12.35 -1.48 2.26
C HIS A 244 11.96 -2.33 3.46
N PHE A 245 11.93 -3.64 3.26
CA PHE A 245 11.63 -4.60 4.32
C PHE A 245 12.93 -5.21 4.84
N ALA A 246 12.92 -5.57 6.12
CA ALA A 246 14.00 -6.37 6.68
C ALA A 246 13.74 -7.84 6.39
N ARG A 247 14.73 -8.52 5.84
CA ARG A 247 14.60 -9.91 5.44
C ARG A 247 15.45 -10.80 6.32
N PHE A 248 14.80 -11.67 7.10
CA PHE A 248 15.50 -12.64 7.94
C PHE A 248 15.34 -14.08 7.47
N ARG A 249 14.38 -14.35 6.59
CA ARG A 249 14.03 -15.72 6.23
C ARG A 249 13.20 -15.69 4.96
N SER A 250 13.21 -16.81 4.24
CA SER A 250 12.45 -16.93 3.02
C SER A 250 10.98 -17.16 3.33
N PHE A 251 10.13 -16.23 2.88
CA PHE A 251 8.68 -16.39 2.95
C PHE A 251 8.13 -15.86 1.64
N PRO A 252 8.08 -16.69 0.60
CA PRO A 252 7.78 -16.20 -0.74
C PRO A 252 6.39 -15.60 -0.86
N PHE A 253 6.26 -14.66 -1.80
CA PHE A 253 4.99 -13.99 -2.02
C PHE A 253 3.87 -14.97 -2.36
N TRP A 254 4.17 -15.95 -3.20
CA TRP A 254 3.15 -16.93 -3.57
C TRP A 254 2.80 -17.85 -2.40
N ARG A 255 3.74 -18.08 -1.48
CA ARG A 255 3.40 -18.79 -0.25
C ARG A 255 2.40 -18.00 0.58
N ARG A 256 2.62 -16.69 0.72
CA ARG A 256 1.69 -15.86 1.49
C ARG A 256 0.33 -15.80 0.81
N VAL A 257 0.32 -15.78 -0.52
CA VAL A 257 -0.94 -15.85 -1.26
C VAL A 257 -1.65 -17.16 -0.97
N HIS A 258 -0.93 -18.28 -1.06
CA HIS A 258 -1.54 -19.58 -0.80
C HIS A 258 -2.03 -19.68 0.64
N ASP A 259 -1.20 -19.24 1.59
CA ASP A 259 -1.58 -19.33 2.99
C ASP A 259 -2.76 -18.43 3.33
N SER A 260 -2.94 -17.34 2.59
CA SER A 260 -3.98 -16.38 2.96
C SER A 260 -5.33 -16.73 2.34
N PHE A 261 -5.32 -17.27 1.11
CA PHE A 261 -6.56 -17.40 0.35
C PHE A 261 -6.97 -18.84 0.05
N ILE A 262 -6.05 -19.80 0.12
CA ILE A 262 -6.35 -21.18 -0.20
C ILE A 262 -6.46 -22.04 1.06
N GLU A 263 -5.42 -22.02 1.90
CA GLU A 263 -5.46 -22.53 3.28
C GLU A 263 -4.06 -22.49 3.90
N ASP A 264 -4.00 -22.26 5.20
CA ASP A 264 -2.72 -22.18 5.92
C ASP A 264 -2.29 -23.55 6.42
C1 CIT B . 9.60 -14.10 -3.29
O1 CIT B . 8.35 -14.05 -3.25
O2 CIT B . 10.14 -15.12 -3.79
C2 CIT B . 10.45 -12.95 -2.78
C3 CIT B . 10.12 -12.56 -1.34
O7 CIT B . 10.20 -13.75 -0.51
C4 CIT B . 11.13 -11.53 -0.82
C5 CIT B . 12.45 -12.22 -0.52
O3 CIT B . 13.46 -11.97 -1.22
O4 CIT B . 12.56 -13.03 0.43
C6 CIT B . 8.72 -11.97 -1.24
O5 CIT B . 8.49 -10.80 -1.65
O6 CIT B . 7.76 -12.63 -0.77
C2 K3E C . -11.37 -5.34 -0.32
C4 K3E C . -10.83 -3.38 0.52
C5 K3E C . -12.06 -2.93 0.24
C6 K3E C . -12.96 -3.77 -0.37
N9 K3E C . -10.18 -2.42 1.08
C1' K3E C . -8.86 -2.41 1.54
C2' K3E C . -7.97 -1.48 0.72
C3' K3E C . -7.35 -0.59 1.80
C4' K3E C . -7.62 -1.39 3.06
C5' K3E C . -7.47 -0.55 4.38
C8 K3E C . -10.99 -1.42 1.14
CAP K3E C . -5.88 -1.73 6.05
CAQ K3E C . -5.41 -2.81 5.22
CAR K3E C . -5.06 -3.67 4.55
CAS K3E C . -4.71 -4.77 3.77
CAU K3E C . -4.67 -6.69 3.02
CAW K3E C . -4.09 -8.39 1.70
CAY K3E C . -3.03 -6.48 1.35
CAZ K3E C . -3.77 -5.93 2.36
CBC K3E C . -6.24 -6.23 4.83
CBE K3E C . -6.31 -8.04 6.16
CBF K3E C . -5.94 -9.31 5.45
CBH K3E C . -7.67 -7.82 5.59
CBJ K3E C . -7.37 -7.00 4.38
N1 K3E C . -12.56 -4.97 -0.62
N3 K3E C . -10.52 -4.58 0.22
N6 K3E C . -14.16 -3.42 -0.68
N7 K3E C . -12.12 -1.72 0.62
NAT K3E C . -5.24 -5.93 3.87
NAV K3E C . -4.82 -7.93 2.65
NAX K3E C . -3.24 -7.70 1.04
NBA K3E C . -3.83 -4.77 2.87
NBB K3E C . -2.15 -5.82 0.70
NBG K3E C . -4.59 -9.63 5.80
O2' K3E C . -7.01 -2.19 0.08
O3' K3E C . -6.01 -0.45 1.63
O4' K3E C . -8.89 -1.86 2.79
O5' K3E C . -7.19 -1.24 5.64
OBD K3E C . -5.55 -7.03 5.74
OBI K3E C . -8.37 -7.10 6.53
OBK K3E C . -8.33 -6.09 4.20
#